data_3PG2
#
_entry.id   3PG2
#
_cell.length_a   69.872
_cell.length_b   60.273
_cell.length_c   80.370
_cell.angle_alpha   90.00
_cell.angle_beta   101.58
_cell.angle_gamma   90.00
#
_symmetry.space_group_name_H-M   'P 1 21 1'
#
loop_
_entity.id
_entity.type
_entity.pdbx_description
1 polymer 'Cell wall surface anchor family protein'
2 non-polymer 'CALCIUM ION'
3 water water
#
_entity_poly.entity_id   1
_entity_poly.type   'polypeptide(L)'
_entity_poly.pdbx_seq_one_letter_code
;NVVTDEPKTDKDVKKLGQDDAGYTIGEEFKWFLKSTIPANLGDYEKFEITDKFADGLTYKSVGKIKIGSKTLNRDEHYTI
DEPTVDNQNTLKITFKPEKFKEIAELLKGMTLVKNQDALDKATANTDDAAFLEIPVASTINEKAVLGKAIENTFELQYDH
TPDKADNPKPSNPPRKPEVHTGGKRFVKKDSTETQTLGGAEFDLLASDGTAVKWTDALIKANTNKNYIAGEAVTGQPIKL
KSHTDGTFEIKGLAYAVDANAEGTAVTYKLKETKAPEGYVIPDKEIEFTVSQTSYNTKPTDITVDSADATPDTIKNNKR
;
_entity_poly.pdbx_strand_id   A,B
#
loop_
_chem_comp.id
_chem_comp.type
_chem_comp.name
_chem_comp.formula
CA non-polymer 'CALCIUM ION' 'Ca 2'
#
# COMPACT_ATOMS: atom_id res chain seq x y z
N ASP A 5 -38.30 -2.15 -17.35
CA ASP A 5 -36.94 -2.52 -17.87
C ASP A 5 -35.84 -1.73 -17.16
N GLU A 6 -36.22 -0.74 -16.33
CA GLU A 6 -35.23 0.15 -15.72
C GLU A 6 -34.44 -0.56 -14.59
N PRO A 7 -33.22 -0.06 -14.27
CA PRO A 7 -32.33 -0.87 -13.42
C PRO A 7 -32.80 -1.08 -11.98
N LYS A 8 -32.69 -2.31 -11.50
CA LYS A 8 -32.84 -2.62 -10.07
C LYS A 8 -31.42 -2.82 -9.57
N THR A 9 -31.15 -2.42 -8.33
CA THR A 9 -29.80 -2.49 -7.78
C THR A 9 -29.76 -3.22 -6.43
N ASP A 10 -28.58 -3.72 -6.10
CA ASP A 10 -28.38 -4.46 -4.86
C ASP A 10 -26.89 -4.46 -4.53
N LYS A 11 -26.56 -4.58 -3.25
CA LYS A 11 -25.15 -4.72 -2.83
C LYS A 11 -24.97 -6.00 -2.02
N ASP A 12 -23.85 -6.69 -2.24
CA ASP A 12 -23.51 -7.91 -1.45
C ASP A 12 -22.15 -7.72 -0.82
N VAL A 13 -21.76 -8.66 0.06
CA VAL A 13 -20.44 -8.67 0.69
C VAL A 13 -19.90 -10.10 0.72
N LYS A 14 -18.59 -10.24 0.54
CA LYS A 14 -17.84 -11.50 0.63
C LYS A 14 -17.96 -12.30 -0.67
N LYS A 15 -19.19 -12.64 -1.03
CA LYS A 15 -19.48 -13.33 -2.30
C LYS A 15 -20.89 -12.98 -2.74
N LEU A 16 -21.19 -13.25 -4.02
CA LEU A 16 -22.54 -13.00 -4.54
C LEU A 16 -23.61 -13.74 -3.74
N GLY A 17 -24.67 -13.03 -3.40
CA GLY A 17 -25.77 -13.58 -2.63
C GLY A 17 -25.61 -13.46 -1.11
N GLN A 18 -24.44 -13.03 -0.64
CA GLN A 18 -24.18 -12.94 0.81
C GLN A 18 -24.35 -11.49 1.26
N ASP A 19 -25.01 -11.27 2.40
CA ASP A 19 -25.31 -9.90 2.86
C ASP A 19 -24.67 -9.53 4.21
N ASP A 20 -23.99 -10.49 4.83
CA ASP A 20 -23.43 -10.30 6.17
C ASP A 20 -22.14 -11.11 6.30
N ALA A 21 -21.06 -10.46 6.77
CA ALA A 21 -19.79 -11.17 7.02
C ALA A 21 -18.98 -10.54 8.16
N GLY A 22 -18.19 -11.39 8.82
CA GLY A 22 -17.28 -10.94 9.88
C GLY A 22 -15.81 -11.10 9.50
N TYR A 23 -15.03 -10.08 9.81
CA TYR A 23 -13.60 -10.03 9.46
C TYR A 23 -12.70 -9.53 10.57
N THR A 24 -11.46 -10.03 10.55
CA THR A 24 -10.37 -9.45 11.29
C THR A 24 -9.96 -8.14 10.61
N ILE A 25 -9.64 -7.12 11.41
CA ILE A 25 -9.18 -5.82 10.88
C ILE A 25 -7.96 -6.00 9.99
N GLY A 26 -7.98 -5.38 8.81
CA GLY A 26 -6.92 -5.52 7.79
C GLY A 26 -7.05 -6.63 6.75
N GLU A 27 -7.96 -7.56 6.95
CA GLU A 27 -8.14 -8.61 5.95
C GLU A 27 -8.94 -8.04 4.80
N GLU A 28 -8.41 -8.21 3.59
CA GLU A 28 -9.05 -7.65 2.43
C GLU A 28 -10.19 -8.59 1.97
N PHE A 29 -11.33 -7.99 1.61
CA PHE A 29 -12.50 -8.72 1.13
C PHE A 29 -13.21 -7.86 0.05
N LYS A 30 -14.21 -8.41 -0.62
CA LYS A 30 -14.92 -7.69 -1.67
C LYS A 30 -16.33 -7.32 -1.26
N TRP A 31 -16.75 -6.10 -1.58
CA TRP A 31 -18.19 -5.76 -1.72
C TRP A 31 -18.55 -5.98 -3.18
N PHE A 32 -19.84 -6.17 -3.45
CA PHE A 32 -20.29 -6.32 -4.82
C PHE A 32 -21.42 -5.37 -5.10
N LEU A 33 -21.18 -4.41 -5.99
CA LEU A 33 -22.23 -3.47 -6.37
C LEU A 33 -22.91 -4.08 -7.58
N LYS A 34 -24.23 -4.22 -7.54
CA LYS A 34 -24.94 -5.02 -8.56
C LYS A 34 -26.08 -4.22 -9.19
N SER A 35 -26.29 -4.41 -10.51
CA SER A 35 -27.42 -3.79 -11.20
C SER A 35 -27.93 -4.74 -12.27
N THR A 36 -29.26 -4.80 -12.44
CA THR A 36 -29.78 -5.40 -13.66
C THR A 36 -29.41 -4.56 -14.88
N ILE A 37 -29.34 -5.21 -16.04
CA ILE A 37 -28.99 -4.54 -17.28
C ILE A 37 -30.28 -4.39 -18.08
N PRO A 38 -30.70 -3.14 -18.34
CA PRO A 38 -31.85 -2.85 -19.22
C PRO A 38 -31.67 -3.43 -20.61
N ALA A 39 -32.71 -4.03 -21.19
CA ALA A 39 -32.65 -4.47 -22.59
C ALA A 39 -32.33 -3.30 -23.53
N ASN A 40 -32.75 -2.10 -23.17
CA ASN A 40 -32.48 -0.92 -24.02
C ASN A 40 -31.33 -0.04 -23.50
N LEU A 41 -30.32 -0.66 -22.90
CA LEU A 41 -29.16 0.04 -22.36
C LEU A 41 -28.51 0.92 -23.41
N GLY A 42 -28.56 0.47 -24.67
CA GLY A 42 -28.05 1.24 -25.80
C GLY A 42 -28.55 2.67 -25.82
N ASP A 43 -29.76 2.91 -25.30
CA ASP A 43 -30.39 4.25 -25.30
C ASP A 43 -29.88 5.18 -24.18
N TYR A 44 -29.19 4.63 -23.19
CA TYR A 44 -28.95 5.37 -21.96
C TYR A 44 -27.99 6.55 -22.15
N GLU A 45 -28.33 7.67 -21.51
CA GLU A 45 -27.55 8.89 -21.56
C GLU A 45 -26.75 9.12 -20.28
N LYS A 46 -26.99 8.29 -19.27
CA LYS A 46 -26.22 8.37 -18.03
C LYS A 46 -26.35 7.07 -17.29
N PHE A 47 -25.25 6.65 -16.67
CA PHE A 47 -25.24 5.45 -15.86
C PHE A 47 -24.10 5.57 -14.86
N GLU A 48 -24.40 6.12 -13.70
CA GLU A 48 -23.36 6.56 -12.79
C GLU A 48 -23.66 6.10 -11.38
N ILE A 49 -22.69 5.42 -10.80
CA ILE A 49 -22.81 4.83 -9.47
C ILE A 49 -21.95 5.56 -8.45
N THR A 50 -22.53 5.86 -7.30
CA THR A 50 -21.82 6.53 -6.20
C THR A 50 -21.94 5.73 -4.93
N ASP A 51 -20.81 5.49 -4.26
CA ASP A 51 -20.78 4.73 -3.00
C ASP A 51 -19.95 5.49 -1.93
N LYS A 52 -20.62 6.01 -0.90
CA LYS A 52 -19.90 6.64 0.21
C LYS A 52 -19.64 5.58 1.30
N PHE A 53 -18.37 5.21 1.44
CA PHE A 53 -17.99 4.16 2.37
C PHE A 53 -17.88 4.73 3.77
N ALA A 54 -18.47 4.02 4.73
CA ALA A 54 -18.30 4.31 6.14
C ALA A 54 -16.83 4.54 6.53
N ASP A 55 -16.62 5.41 7.52
CA ASP A 55 -15.29 5.77 8.03
C ASP A 55 -14.43 4.53 8.44
N GLY A 56 -15.09 3.51 9.00
CA GLY A 56 -14.42 2.28 9.45
C GLY A 56 -14.03 1.30 8.34
N LEU A 57 -14.26 1.69 7.07
CA LEU A 57 -13.81 0.91 5.91
C LEU A 57 -12.72 1.62 5.13
N THR A 58 -11.70 0.86 4.72
CA THR A 58 -10.68 1.40 3.85
C THR A 58 -10.84 0.78 2.47
N TYR A 59 -11.05 1.65 1.48
CA TYR A 59 -11.12 1.25 0.09
C TYR A 59 -9.75 0.77 -0.40
N LYS A 60 -9.72 -0.34 -1.15
CA LYS A 60 -8.45 -0.84 -1.71
C LYS A 60 -8.35 -0.73 -3.22
N SER A 61 -9.37 -1.19 -3.95
CA SER A 61 -9.35 -1.15 -5.42
C SER A 61 -10.71 -1.53 -5.97
N VAL A 62 -10.88 -1.35 -7.27
CA VAL A 62 -12.05 -1.90 -7.96
C VAL A 62 -11.57 -3.03 -8.85
N GLY A 63 -12.27 -4.15 -8.78
CA GLY A 63 -11.91 -5.36 -9.51
C GLY A 63 -12.41 -5.29 -10.92
N LYS A 64 -12.48 -6.45 -11.56
CA LYS A 64 -12.93 -6.53 -12.96
C LYS A 64 -14.44 -6.41 -13.02
N ILE A 65 -14.94 -5.36 -13.70
CA ILE A 65 -16.38 -5.15 -13.81
C ILE A 65 -16.94 -6.12 -14.85
N LYS A 66 -17.91 -6.92 -14.43
CA LYS A 66 -18.41 -8.01 -15.28
C LYS A 66 -19.88 -7.89 -15.63
N ILE A 67 -20.25 -8.30 -16.85
CA ILE A 67 -21.66 -8.50 -17.17
C ILE A 67 -21.74 -9.90 -17.77
N GLY A 68 -22.36 -10.83 -17.05
CA GLY A 68 -22.30 -12.23 -17.44
C GLY A 68 -20.82 -12.60 -17.44
N SER A 69 -20.35 -13.21 -18.52
CA SER A 69 -18.97 -13.70 -18.61
C SER A 69 -17.99 -12.61 -19.02
N LYS A 70 -18.51 -11.50 -19.54
CA LYS A 70 -17.67 -10.50 -20.17
C LYS A 70 -17.24 -9.39 -19.24
N THR A 71 -16.05 -8.86 -19.53
CA THR A 71 -15.39 -7.83 -18.72
C THR A 71 -15.44 -6.50 -19.47
N LEU A 72 -15.71 -5.42 -18.73
CA LEU A 72 -15.64 -4.07 -19.28
C LEU A 72 -14.32 -3.50 -18.85
N ASN A 73 -13.78 -2.56 -19.62
CA ASN A 73 -12.41 -2.12 -19.39
C ASN A 73 -12.29 -0.71 -18.83
N ARG A 74 -11.43 -0.55 -17.83
CA ARG A 74 -11.28 0.79 -17.23
C ARG A 74 -10.77 1.81 -18.25
N ASP A 75 -11.38 3.00 -18.25
CA ASP A 75 -11.00 4.12 -19.07
C ASP A 75 -11.38 3.94 -20.55
N GLU A 76 -11.92 2.77 -20.87
CA GLU A 76 -12.56 2.58 -22.17
C GLU A 76 -14.08 2.62 -22.09
N HIS A 77 -14.65 1.78 -21.22
CA HIS A 77 -16.11 1.73 -21.00
C HIS A 77 -16.60 2.57 -19.81
N TYR A 78 -15.74 2.81 -18.84
CA TYR A 78 -16.13 3.53 -17.63
C TYR A 78 -14.96 4.28 -17.01
N THR A 79 -15.25 5.18 -16.09
CA THR A 79 -14.18 5.83 -15.34
C THR A 79 -14.42 5.74 -13.84
N ILE A 80 -13.32 5.65 -13.10
CA ILE A 80 -13.38 5.57 -11.65
C ILE A 80 -12.86 6.86 -10.99
N ASP A 81 -13.58 7.30 -9.96
CA ASP A 81 -13.07 8.33 -9.05
C ASP A 81 -12.97 7.71 -7.66
N GLU A 82 -11.74 7.55 -7.17
CA GLU A 82 -11.47 6.79 -5.93
C GLU A 82 -11.78 7.55 -4.63
N PRO A 83 -12.22 6.82 -3.59
CA PRO A 83 -12.38 7.35 -2.24
C PRO A 83 -11.09 7.99 -1.71
N THR A 84 -11.23 9.19 -1.15
CA THR A 84 -10.13 9.90 -0.51
C THR A 84 -10.71 10.58 0.73
N VAL A 85 -9.82 11.07 1.59
CA VAL A 85 -10.23 11.91 2.69
C VAL A 85 -11.05 13.08 2.15
N ASP A 86 -10.55 13.70 1.09
CA ASP A 86 -11.19 14.89 0.52
C ASP A 86 -12.64 14.69 0.05
N ASN A 87 -12.98 13.49 -0.43
CA ASN A 87 -14.37 13.28 -0.89
C ASN A 87 -15.20 12.43 0.07
N GLN A 88 -14.75 12.40 1.34
CA GLN A 88 -15.43 11.68 2.42
C GLN A 88 -15.56 10.19 2.10
N ASN A 89 -14.48 9.59 1.60
CA ASN A 89 -14.40 8.12 1.36
C ASN A 89 -15.40 7.63 0.31
N THR A 90 -15.60 8.45 -0.72
CA THR A 90 -16.62 8.19 -1.74
C THR A 90 -16.07 7.71 -3.08
N LEU A 91 -16.61 6.60 -3.56
CA LEU A 91 -16.27 6.03 -4.85
C LEU A 91 -17.32 6.45 -5.87
N LYS A 92 -16.87 6.87 -7.03
CA LYS A 92 -17.80 7.05 -8.15
C LYS A 92 -17.35 6.26 -9.38
N ILE A 93 -18.31 5.59 -10.02
CA ILE A 93 -18.02 4.90 -11.26
C ILE A 93 -18.98 5.40 -12.33
N THR A 94 -18.41 5.94 -13.40
CA THR A 94 -19.18 6.58 -14.47
C THR A 94 -19.07 5.75 -15.75
N PHE A 95 -20.17 5.13 -16.18
CA PHE A 95 -20.14 4.45 -17.48
C PHE A 95 -20.28 5.49 -18.59
N LYS A 96 -19.43 5.44 -19.60
CA LYS A 96 -19.40 6.44 -20.68
C LYS A 96 -20.64 6.40 -21.57
N PRO A 97 -21.41 7.51 -21.59
CA PRO A 97 -22.66 7.54 -22.35
C PRO A 97 -22.46 7.22 -23.83
N GLU A 98 -21.31 7.64 -24.39
CA GLU A 98 -21.00 7.41 -25.79
C GLU A 98 -20.62 5.95 -26.06
N LYS A 99 -20.51 5.16 -24.99
CA LYS A 99 -20.24 3.73 -25.12
C LYS A 99 -21.47 2.88 -24.81
N PHE A 100 -22.63 3.51 -24.57
CA PHE A 100 -23.79 2.72 -24.19
C PHE A 100 -24.21 1.69 -25.26
N LYS A 101 -24.18 2.07 -26.54
CA LYS A 101 -24.40 1.10 -27.63
C LYS A 101 -23.37 -0.03 -27.69
N GLU A 102 -22.09 0.31 -27.56
CA GLU A 102 -21.00 -0.69 -27.59
C GLU A 102 -21.16 -1.72 -26.47
N ILE A 103 -21.46 -1.22 -25.27
CA ILE A 103 -21.71 -2.11 -24.13
C ILE A 103 -22.89 -3.02 -24.39
N ALA A 104 -23.99 -2.44 -24.87
CA ALA A 104 -25.19 -3.22 -25.20
C ALA A 104 -24.91 -4.30 -26.24
N GLU A 105 -24.07 -3.99 -27.23
CA GLU A 105 -23.70 -4.97 -28.25
C GLU A 105 -22.98 -6.18 -27.63
N LEU A 106 -22.20 -5.95 -26.57
CA LEU A 106 -21.53 -7.06 -25.89
C LEU A 106 -22.51 -8.06 -25.28
N LEU A 107 -23.73 -7.60 -24.97
CA LEU A 107 -24.76 -8.38 -24.21
C LEU A 107 -25.57 -9.33 -25.08
N LYS A 108 -25.40 -9.23 -26.40
CA LYS A 108 -26.31 -9.86 -27.37
C LYS A 108 -26.75 -11.32 -27.10
N GLY A 109 -25.81 -12.19 -26.82
CA GLY A 109 -26.14 -13.60 -26.65
C GLY A 109 -26.36 -14.01 -25.21
N MET A 110 -26.57 -13.03 -24.32
CA MET A 110 -26.74 -13.29 -22.89
C MET A 110 -28.21 -13.21 -22.48
N THR A 111 -28.61 -14.03 -21.53
CA THR A 111 -29.94 -13.87 -20.96
C THR A 111 -29.78 -13.03 -19.68
N LEU A 112 -30.55 -11.94 -19.61
CA LEU A 112 -30.35 -10.93 -18.56
C LEU A 112 -31.26 -11.16 -17.37
N VAL A 113 -30.69 -11.03 -16.17
CA VAL A 113 -31.50 -11.02 -14.96
C VAL A 113 -32.50 -9.85 -15.03
N LYS A 114 -33.74 -10.12 -14.65
CA LYS A 114 -34.86 -9.19 -14.83
C LYS A 114 -35.26 -8.42 -13.57
N ASN A 115 -35.66 -9.13 -12.52
CA ASN A 115 -36.31 -8.45 -11.41
C ASN A 115 -35.46 -8.41 -10.12
N GLN A 116 -35.87 -7.55 -9.20
CA GLN A 116 -35.15 -7.32 -7.93
C GLN A 116 -34.84 -8.59 -7.12
N ASP A 117 -35.86 -9.43 -6.90
CA ASP A 117 -35.67 -10.64 -6.09
C ASP A 117 -34.57 -11.52 -6.69
N ALA A 118 -34.59 -11.68 -8.01
CA ALA A 118 -33.62 -12.55 -8.67
C ALA A 118 -32.22 -11.96 -8.54
N LEU A 119 -32.13 -10.63 -8.64
CA LEU A 119 -30.83 -9.94 -8.47
C LEU A 119 -30.29 -10.16 -7.05
N ASP A 120 -31.18 -9.95 -6.07
CA ASP A 120 -30.86 -10.12 -4.65
C ASP A 120 -30.36 -11.51 -4.32
N LYS A 121 -30.94 -12.50 -4.98
CA LYS A 121 -30.69 -13.90 -4.66
C LYS A 121 -29.57 -14.51 -5.47
N ALA A 122 -29.03 -13.78 -6.45
CA ALA A 122 -28.06 -14.34 -7.38
C ALA A 122 -26.77 -14.72 -6.65
N THR A 123 -26.31 -15.94 -6.89
CA THR A 123 -25.04 -16.41 -6.29
C THR A 123 -23.93 -16.57 -7.36
N ALA A 124 -24.25 -16.21 -8.60
CA ALA A 124 -23.32 -16.28 -9.72
C ALA A 124 -23.80 -15.32 -10.79
N ASN A 125 -22.88 -14.91 -11.65
CA ASN A 125 -23.17 -13.98 -12.73
C ASN A 125 -22.68 -14.63 -14.02
N THR A 126 -23.61 -15.11 -14.83
CA THR A 126 -23.27 -15.90 -16.02
C THR A 126 -24.00 -15.44 -17.28
N ASP A 127 -23.58 -15.94 -18.45
CA ASP A 127 -24.28 -15.63 -19.70
C ASP A 127 -25.75 -16.04 -19.68
N ASP A 128 -26.07 -17.07 -18.89
CA ASP A 128 -27.45 -17.58 -18.79
C ASP A 128 -28.34 -16.77 -17.84
N ALA A 129 -27.69 -15.98 -16.98
CA ALA A 129 -28.39 -15.14 -15.99
C ALA A 129 -27.47 -14.00 -15.62
N ALA A 130 -27.40 -13.01 -16.51
CA ALA A 130 -26.37 -11.96 -16.46
C ALA A 130 -26.87 -10.66 -15.84
N PHE A 131 -25.94 -10.02 -15.12
CA PHE A 131 -26.15 -8.69 -14.56
C PHE A 131 -24.81 -7.97 -14.40
N LEU A 132 -24.88 -6.69 -14.05
CA LEU A 132 -23.70 -5.85 -13.85
C LEU A 132 -23.17 -6.09 -12.47
N GLU A 133 -21.87 -6.39 -12.39
CA GLU A 133 -21.20 -6.78 -11.15
C GLU A 133 -19.91 -5.98 -10.98
N ILE A 134 -19.82 -5.23 -9.89
CA ILE A 134 -18.66 -4.36 -9.62
C ILE A 134 -18.05 -4.79 -8.28
N PRO A 135 -16.95 -5.57 -8.31
CA PRO A 135 -16.34 -5.96 -7.05
C PRO A 135 -15.48 -4.79 -6.55
N VAL A 136 -15.63 -4.45 -5.27
CA VAL A 136 -14.81 -3.39 -4.67
C VAL A 136 -14.06 -4.03 -3.48
N ALA A 137 -12.73 -4.02 -3.57
CA ALA A 137 -11.87 -4.55 -2.50
C ALA A 137 -11.74 -3.53 -1.39
N SER A 138 -11.79 -4.03 -0.17
CA SER A 138 -12.01 -3.22 1.02
C SER A 138 -11.38 -3.91 2.23
N THR A 139 -11.07 -3.15 3.27
CA THR A 139 -10.81 -3.72 4.60
C THR A 139 -11.66 -3.04 5.67
N ILE A 140 -11.76 -3.68 6.83
CA ILE A 140 -12.23 -2.99 8.02
C ILE A 140 -10.94 -2.47 8.64
N ASN A 141 -10.95 -1.19 8.97
CA ASN A 141 -9.79 -0.54 9.55
C ASN A 141 -9.89 -0.35 11.07
N GLU A 142 -8.86 0.28 11.65
CA GLU A 142 -8.77 0.49 13.09
C GLU A 142 -9.87 1.38 13.67
N LYS A 143 -10.67 2.03 12.83
CA LYS A 143 -11.67 2.98 13.34
C LYS A 143 -13.02 2.32 13.61
N ALA A 144 -13.09 1.02 13.37
CA ALA A 144 -14.30 0.26 13.63
C ALA A 144 -14.62 0.19 15.10
N VAL A 145 -15.90 0.10 15.41
CA VAL A 145 -16.35 -0.18 16.76
C VAL A 145 -16.57 -1.69 16.86
N LEU A 146 -15.96 -2.29 17.88
CA LEU A 146 -16.01 -3.74 18.02
C LEU A 146 -17.41 -4.23 18.33
N GLY A 147 -17.94 -5.09 17.46
CA GLY A 147 -19.28 -5.62 17.59
C GLY A 147 -20.38 -4.86 16.86
N LYS A 148 -20.02 -3.76 16.22
CA LYS A 148 -20.99 -2.85 15.54
C LYS A 148 -21.05 -3.12 14.03
N ALA A 149 -22.23 -3.43 13.51
CA ALA A 149 -22.42 -3.56 12.05
C ALA A 149 -21.95 -2.33 11.27
N ILE A 150 -21.19 -2.56 10.21
CA ILE A 150 -20.76 -1.49 9.31
C ILE A 150 -21.47 -1.71 7.98
N GLU A 151 -22.46 -0.87 7.70
CA GLU A 151 -23.27 -1.07 6.50
C GLU A 151 -22.62 -0.44 5.29
N ASN A 152 -23.05 -0.90 4.10
CA ASN A 152 -22.69 -0.21 2.87
C ASN A 152 -23.87 -0.21 1.91
N THR A 153 -24.01 0.87 1.16
CA THR A 153 -24.92 0.88 -0.01
C THR A 153 -24.35 1.77 -1.11
N PHE A 154 -25.09 1.92 -2.21
CA PHE A 154 -24.70 2.87 -3.23
C PHE A 154 -25.96 3.37 -3.90
N GLU A 155 -25.82 4.35 -4.76
CA GLU A 155 -26.92 4.80 -5.59
C GLU A 155 -26.52 4.86 -7.06
N LEU A 156 -27.37 4.31 -7.91
CA LEU A 156 -27.21 4.46 -9.34
C LEU A 156 -28.10 5.62 -9.83
N GLN A 157 -27.51 6.52 -10.59
CA GLN A 157 -28.23 7.58 -11.31
C GLN A 157 -28.24 7.19 -12.77
N TYR A 158 -29.42 6.84 -13.30
CA TYR A 158 -29.50 6.37 -14.69
C TYR A 158 -30.44 7.24 -15.51
N ASP A 159 -30.07 7.47 -16.77
CA ASP A 159 -30.95 8.20 -17.70
C ASP A 159 -31.27 7.27 -18.87
N HIS A 160 -32.47 6.70 -18.86
CA HIS A 160 -32.92 5.73 -19.87
C HIS A 160 -33.53 6.35 -21.12
N THR A 161 -33.76 7.66 -21.11
CA THR A 161 -34.44 8.32 -22.22
C THR A 161 -33.43 8.90 -23.23
N PRO A 162 -33.43 8.39 -24.50
CA PRO A 162 -32.52 8.96 -25.52
C PRO A 162 -33.11 10.23 -26.16
N ASP A 163 -33.43 11.21 -25.32
CA ASP A 163 -34.14 12.40 -25.74
C ASP A 163 -33.30 13.68 -25.71
N LYS A 164 -32.00 13.56 -25.40
CA LYS A 164 -31.09 14.71 -25.36
C LYS A 164 -31.41 15.66 -24.21
N ALA A 165 -32.13 15.14 -23.21
CA ALA A 165 -32.43 15.90 -22.00
C ALA A 165 -31.82 15.13 -20.83
N ASP A 166 -31.11 15.88 -19.97
CA ASP A 166 -30.41 15.32 -18.83
C ASP A 166 -31.40 15.11 -17.66
N ASN A 167 -32.09 13.97 -17.69
CA ASN A 167 -33.16 13.69 -16.72
C ASN A 167 -33.03 12.31 -16.05
N PRO A 168 -31.93 12.07 -15.31
CA PRO A 168 -31.74 10.75 -14.66
C PRO A 168 -32.70 10.50 -13.50
N LYS A 169 -32.81 9.23 -13.12
CA LYS A 169 -33.63 8.78 -11.99
C LYS A 169 -32.72 7.92 -11.11
N PRO A 170 -33.08 7.75 -9.81
CA PRO A 170 -32.29 6.88 -8.94
C PRO A 170 -32.72 5.44 -8.97
N SER A 171 -31.77 4.55 -8.70
CA SER A 171 -32.03 3.19 -8.31
C SER A 171 -31.16 2.90 -7.07
N ASN A 172 -31.76 2.26 -6.07
CA ASN A 172 -31.13 2.03 -4.74
C ASN A 172 -31.38 0.60 -4.24
N PRO A 173 -30.35 -0.08 -3.69
CA PRO A 173 -30.59 -1.37 -3.04
C PRO A 173 -31.66 -1.26 -1.97
N PRO A 174 -32.71 -2.10 -2.05
CA PRO A 174 -33.73 -2.02 -0.99
C PRO A 174 -33.18 -2.42 0.39
N ARG A 175 -32.21 -3.34 0.39
CA ARG A 175 -31.60 -3.87 1.62
C ARG A 175 -30.09 -3.75 1.52
N LYS A 176 -29.43 -3.46 2.64
CA LYS A 176 -27.98 -3.17 2.69
C LYS A 176 -27.18 -4.29 3.35
N PRO A 177 -26.04 -4.68 2.77
CA PRO A 177 -25.13 -5.64 3.42
C PRO A 177 -24.29 -4.95 4.51
N GLU A 178 -23.65 -5.74 5.38
CA GLU A 178 -22.85 -5.17 6.50
C GLU A 178 -21.72 -6.10 6.89
N VAL A 179 -20.67 -5.52 7.44
CA VAL A 179 -19.57 -6.31 8.06
C VAL A 179 -19.32 -5.92 9.51
N HIS A 180 -18.56 -6.73 10.24
CA HIS A 180 -18.34 -6.51 11.68
C HIS A 180 -17.02 -7.14 12.10
N THR A 181 -16.43 -6.59 13.15
CA THR A 181 -15.22 -7.15 13.73
C THR A 181 -15.37 -7.06 15.24
N GLY A 182 -14.66 -7.92 15.99
CA GLY A 182 -14.79 -7.93 17.45
C GLY A 182 -13.48 -7.90 18.25
N GLY A 183 -13.59 -8.07 19.56
CA GLY A 183 -12.37 -8.10 20.39
C GLY A 183 -12.63 -8.85 21.69
N LYS A 184 -11.62 -8.88 22.55
CA LYS A 184 -11.72 -9.56 23.83
C LYS A 184 -10.78 -8.92 24.87
N ARG A 185 -11.20 -8.95 26.13
CA ARG A 185 -10.40 -8.40 27.22
C ARG A 185 -10.04 -9.52 28.20
N PHE A 186 -8.87 -9.38 28.83
CA PHE A 186 -8.35 -10.43 29.72
C PHE A 186 -7.77 -9.86 31.01
N VAL A 187 -7.76 -10.68 32.06
CA VAL A 187 -6.96 -10.37 33.26
C VAL A 187 -6.26 -11.64 33.77
N LYS A 188 -4.94 -11.58 33.91
CA LYS A 188 -4.11 -12.69 34.39
C LYS A 188 -4.00 -12.65 35.92
N LYS A 189 -4.33 -13.76 36.55
CA LYS A 189 -4.35 -13.86 38.01
C LYS A 189 -3.69 -15.18 38.43
N ASP A 190 -3.56 -15.36 39.75
CA ASP A 190 -3.09 -16.63 40.33
C ASP A 190 -4.16 -17.74 40.28
N SER A 191 -3.98 -18.81 41.04
CA SER A 191 -4.83 -20.00 40.89
C SER A 191 -6.21 -19.82 41.53
N THR A 192 -6.33 -18.88 42.45
CA THR A 192 -7.61 -18.65 43.10
C THR A 192 -8.26 -17.34 42.64
N GLU A 193 -7.76 -16.80 41.54
CA GLU A 193 -8.24 -15.52 41.01
C GLU A 193 -8.14 -14.38 42.02
N THR A 194 -7.08 -14.41 42.85
CA THR A 194 -6.82 -13.38 43.86
C THR A 194 -5.80 -12.33 43.36
N GLN A 195 -4.52 -12.67 43.30
CA GLN A 195 -3.48 -11.72 42.88
C GLN A 195 -3.49 -11.55 41.36
N THR A 196 -3.38 -10.31 40.90
CA THR A 196 -3.17 -10.01 39.47
C THR A 196 -1.67 -10.15 39.16
N LEU A 197 -1.37 -10.70 37.98
CA LEU A 197 0.00 -11.07 37.62
C LEU A 197 0.44 -10.45 36.29
N GLY A 198 1.46 -9.58 36.39
CA GLY A 198 2.07 -8.97 35.22
C GLY A 198 3.11 -9.88 34.57
N GLY A 199 3.34 -9.67 33.28
CA GLY A 199 4.46 -10.29 32.57
C GLY A 199 4.28 -11.67 31.98
N ALA A 200 3.05 -12.19 31.99
CA ALA A 200 2.78 -13.41 31.25
C ALA A 200 2.79 -13.07 29.77
N GLU A 201 3.24 -14.00 28.93
CA GLU A 201 3.26 -13.78 27.49
C GLU A 201 2.50 -14.88 26.76
N PHE A 202 1.76 -14.52 25.71
CA PHE A 202 0.91 -15.45 24.98
C PHE A 202 1.03 -15.29 23.47
N ASP A 203 1.13 -16.42 22.76
CA ASP A 203 0.94 -16.45 21.32
C ASP A 203 -0.57 -16.46 20.99
N LEU A 204 -1.05 -15.53 20.18
CA LEU A 204 -2.45 -15.59 19.72
C LEU A 204 -2.60 -16.53 18.53
N LEU A 205 -3.50 -17.50 18.66
CA LEU A 205 -3.71 -18.52 17.64
C LEU A 205 -5.17 -18.64 17.24
N ALA A 206 -5.41 -19.07 16.00
CA ALA A 206 -6.74 -19.48 15.57
C ALA A 206 -7.10 -20.76 16.30
N SER A 207 -8.36 -21.18 16.18
CA SER A 207 -8.79 -22.38 16.88
C SER A 207 -8.00 -23.62 16.43
N ASP A 208 -7.60 -23.64 15.16
CA ASP A 208 -6.79 -24.78 14.68
C ASP A 208 -5.30 -24.67 15.02
N GLY A 209 -4.92 -23.63 15.75
CA GLY A 209 -3.53 -23.46 16.15
C GLY A 209 -2.66 -22.64 15.22
N THR A 210 -3.22 -22.14 14.11
CA THR A 210 -2.49 -21.26 13.19
C THR A 210 -2.24 -19.91 13.87
N ALA A 211 -1.00 -19.42 13.86
CA ALA A 211 -0.76 -18.11 14.48
C ALA A 211 -1.48 -17.01 13.71
N VAL A 212 -2.08 -16.07 14.45
CA VAL A 212 -2.65 -14.87 13.86
C VAL A 212 -1.49 -13.88 13.70
N LYS A 213 -1.39 -13.28 12.52
CA LYS A 213 -0.28 -12.38 12.19
C LYS A 213 -0.73 -10.93 12.21
N TRP A 214 0.20 -10.01 12.48
CA TRP A 214 -0.07 -8.59 12.39
C TRP A 214 -0.27 -8.14 10.92
N THR A 215 -1.15 -7.16 10.73
CA THR A 215 -1.14 -6.33 9.52
C THR A 215 -1.07 -4.90 10.00
N ASP A 216 -0.76 -3.96 9.10
CA ASP A 216 -0.62 -2.59 9.55
C ASP A 216 -1.92 -2.06 10.17
N ALA A 217 -3.07 -2.42 9.60
CA ALA A 217 -4.35 -1.96 10.14
C ALA A 217 -4.62 -2.52 11.54
N LEU A 218 -4.26 -3.78 11.75
CA LEU A 218 -4.46 -4.41 13.04
C LEU A 218 -3.51 -3.84 14.09
N ILE A 219 -2.29 -3.50 13.67
CA ILE A 219 -1.34 -2.81 14.55
C ILE A 219 -1.94 -1.48 15.02
N LYS A 220 -2.51 -0.70 14.08
CA LYS A 220 -3.18 0.56 14.39
C LYS A 220 -4.41 0.40 15.29
N ALA A 221 -4.96 -0.81 15.34
CA ALA A 221 -6.13 -1.09 16.18
C ALA A 221 -5.72 -1.56 17.58
N ASN A 222 -4.43 -1.83 17.77
CA ASN A 222 -3.92 -2.31 19.06
C ASN A 222 -2.76 -1.43 19.50
N THR A 223 -3.12 -0.23 19.94
CA THR A 223 -2.17 0.84 20.19
C THR A 223 -1.55 0.82 21.60
N ASN A 224 -2.19 0.12 22.54
CA ASN A 224 -1.66 0.02 23.91
C ASN A 224 -0.51 -0.96 23.94
N LYS A 225 0.71 -0.42 23.97
CA LYS A 225 1.95 -1.21 23.95
C LYS A 225 2.17 -2.08 25.20
N ASN A 226 1.48 -1.76 26.30
CA ASN A 226 1.56 -2.58 27.52
C ASN A 226 1.06 -4.00 27.35
N TYR A 227 0.19 -4.20 26.36
CA TYR A 227 -0.46 -5.49 26.13
C TYR A 227 0.26 -6.35 25.08
N ILE A 228 1.32 -5.80 24.50
CA ILE A 228 2.02 -6.46 23.40
C ILE A 228 3.38 -6.91 23.89
N ALA A 229 3.73 -8.17 23.66
CA ALA A 229 5.03 -8.69 24.04
C ALA A 229 6.06 -8.38 22.96
N GLY A 230 6.90 -7.38 23.22
CA GLY A 230 7.89 -6.92 22.23
C GLY A 230 7.27 -6.05 21.15
N GLU A 231 7.93 -6.00 19.99
CA GLU A 231 7.50 -5.13 18.89
C GLU A 231 6.48 -5.81 17.99
N ALA A 232 5.46 -5.07 17.59
CA ALA A 232 4.50 -5.57 16.61
C ALA A 232 4.99 -5.22 15.21
N VAL A 233 5.09 -6.22 14.34
CA VAL A 233 5.55 -6.00 12.98
C VAL A 233 4.67 -6.75 11.98
N THR A 234 4.21 -6.06 10.95
CA THR A 234 3.36 -6.67 9.92
C THR A 234 3.95 -7.97 9.37
N GLY A 235 3.13 -9.01 9.32
CA GLY A 235 3.53 -10.32 8.81
C GLY A 235 4.06 -11.28 9.85
N GLN A 236 4.28 -10.79 11.08
CA GLN A 236 4.83 -11.61 12.18
C GLN A 236 3.73 -12.07 13.14
N PRO A 237 3.98 -13.15 13.90
CA PRO A 237 2.95 -13.69 14.82
C PRO A 237 2.61 -12.76 15.98
N ILE A 238 1.33 -12.71 16.32
CA ILE A 238 0.86 -11.84 17.40
C ILE A 238 1.21 -12.47 18.75
N LYS A 239 1.92 -11.69 19.57
CA LYS A 239 2.32 -12.08 20.91
C LYS A 239 1.88 -10.98 21.87
N LEU A 240 1.04 -11.37 22.83
CA LEU A 240 0.48 -10.47 23.84
C LEU A 240 1.16 -10.63 25.19
N LYS A 241 1.00 -9.64 26.05
CA LYS A 241 1.61 -9.66 27.38
C LYS A 241 0.64 -9.10 28.41
N SER A 242 0.65 -9.66 29.61
CA SER A 242 -0.17 -9.08 30.67
C SER A 242 0.57 -7.90 31.28
N HIS A 243 -0.16 -6.82 31.47
CA HIS A 243 0.38 -5.58 32.03
C HIS A 243 0.56 -5.75 33.55
N THR A 244 1.13 -4.74 34.22
CA THR A 244 1.41 -4.88 35.66
C THR A 244 0.15 -4.98 36.50
N ASP A 245 -1.01 -4.65 35.94
CA ASP A 245 -2.31 -4.85 36.61
C ASP A 245 -2.99 -6.15 36.18
N GLY A 246 -2.25 -6.99 35.46
CA GLY A 246 -2.74 -8.28 35.00
C GLY A 246 -3.49 -8.21 33.68
N THR A 247 -3.82 -7.00 33.23
CA THR A 247 -4.76 -6.85 32.10
C THR A 247 -4.10 -6.89 30.74
N PHE A 248 -4.85 -7.39 29.76
CA PHE A 248 -4.49 -7.19 28.36
C PHE A 248 -5.73 -7.42 27.49
N GLU A 249 -5.61 -7.11 26.19
CA GLU A 249 -6.73 -7.30 25.27
C GLU A 249 -6.25 -7.56 23.86
N ILE A 250 -7.18 -8.00 23.02
CA ILE A 250 -6.96 -8.08 21.58
C ILE A 250 -8.12 -7.40 20.86
N LYS A 251 -7.82 -6.53 19.91
CA LYS A 251 -8.88 -5.78 19.21
C LYS A 251 -8.84 -6.09 17.72
N GLY A 252 -10.01 -6.41 17.15
CA GLY A 252 -10.16 -6.54 15.71
C GLY A 252 -10.12 -7.95 15.13
N LEU A 253 -10.68 -8.92 15.84
CA LEU A 253 -10.71 -10.30 15.35
C LEU A 253 -12.08 -10.62 14.79
N ALA A 254 -12.14 -11.40 13.71
CA ALA A 254 -13.41 -11.83 13.14
C ALA A 254 -14.29 -12.61 14.13
N TYR A 255 -15.59 -12.37 14.06
CA TYR A 255 -16.59 -13.24 14.66
C TYR A 255 -17.79 -13.20 13.70
N ALA A 256 -18.74 -14.11 13.90
CA ALA A 256 -19.95 -14.17 13.04
C ALA A 256 -19.55 -14.04 11.59
N VAL A 257 -18.64 -14.93 11.20
CA VAL A 257 -17.96 -14.94 9.92
C VAL A 257 -18.93 -14.92 8.73
N ASP A 258 -19.99 -15.73 8.79
CA ASP A 258 -20.99 -15.76 7.73
C ASP A 258 -22.39 -15.47 8.24
N ALA A 259 -22.47 -14.52 9.17
CA ALA A 259 -23.71 -14.18 9.83
C ALA A 259 -23.76 -12.68 10.07
N ASN A 260 -24.91 -12.19 10.57
CA ASN A 260 -25.06 -10.78 10.96
C ASN A 260 -24.27 -10.44 12.24
N ALA A 261 -24.30 -9.17 12.64
CA ALA A 261 -23.41 -8.68 13.73
C ALA A 261 -23.72 -9.27 15.10
N GLU A 262 -24.89 -9.92 15.19
CA GLU A 262 -25.33 -10.63 16.39
C GLU A 262 -24.99 -12.12 16.35
N GLY A 263 -24.30 -12.56 15.29
CA GLY A 263 -24.18 -13.99 14.99
C GLY A 263 -23.08 -14.74 15.73
N THR A 264 -22.87 -15.99 15.31
CA THR A 264 -22.09 -16.99 16.03
C THR A 264 -20.70 -16.51 16.44
N ALA A 265 -20.35 -16.69 17.72
CA ALA A 265 -19.03 -16.32 18.22
C ALA A 265 -17.97 -17.28 17.67
N VAL A 266 -16.73 -16.80 17.60
CA VAL A 266 -15.61 -17.59 17.09
C VAL A 266 -14.61 -17.84 18.23
N THR A 267 -14.11 -19.05 18.29
CA THR A 267 -13.10 -19.43 19.29
C THR A 267 -11.71 -19.11 18.80
N TYR A 268 -10.93 -18.48 19.67
CA TYR A 268 -9.50 -18.34 19.43
C TYR A 268 -8.78 -18.96 20.62
N LYS A 269 -7.44 -18.97 20.60
CA LYS A 269 -6.71 -19.47 21.76
C LYS A 269 -5.38 -18.77 21.99
N LEU A 270 -4.91 -18.88 23.23
CA LEU A 270 -3.66 -18.26 23.66
C LEU A 270 -2.72 -19.37 24.13
N LYS A 271 -1.52 -19.42 23.56
CA LYS A 271 -0.48 -20.29 24.12
C LYS A 271 0.39 -19.45 25.06
N GLU A 272 0.36 -19.76 26.36
CA GLU A 272 1.20 -19.09 27.34
C GLU A 272 2.65 -19.54 27.18
N THR A 273 3.49 -18.64 26.67
CA THR A 273 4.88 -18.98 26.38
C THR A 273 5.80 -18.63 27.54
N LYS A 274 5.36 -17.66 28.35
CA LYS A 274 6.08 -17.26 29.55
C LYS A 274 5.06 -17.01 30.65
N ALA A 275 5.31 -17.56 31.83
CA ALA A 275 4.43 -17.38 32.98
C ALA A 275 4.92 -16.21 33.85
N PRO A 276 4.01 -15.63 34.64
CA PRO A 276 4.50 -14.66 35.62
C PRO A 276 5.60 -15.30 36.50
N GLU A 277 6.58 -14.48 36.91
CA GLU A 277 7.65 -14.91 37.81
C GLU A 277 7.11 -15.73 38.98
N GLY A 278 7.64 -16.94 39.14
CA GLY A 278 7.22 -17.82 40.23
C GLY A 278 6.14 -18.81 39.85
N TYR A 279 5.61 -18.69 38.64
CA TYR A 279 4.49 -19.51 38.20
C TYR A 279 4.88 -20.46 37.06
N VAL A 280 4.02 -21.45 36.82
CA VAL A 280 4.26 -22.55 35.89
C VAL A 280 3.72 -22.22 34.48
N ILE A 281 4.43 -22.64 33.44
CA ILE A 281 3.95 -22.59 32.06
C ILE A 281 3.03 -23.79 31.80
N PRO A 282 1.75 -23.55 31.44
CA PRO A 282 0.85 -24.68 31.20
C PRO A 282 1.16 -25.41 29.88
N ASP A 283 0.68 -26.65 29.74
CA ASP A 283 0.80 -27.41 28.48
C ASP A 283 -0.28 -26.96 27.50
N LYS A 284 -1.48 -26.78 28.02
CA LYS A 284 -2.68 -26.55 27.21
C LYS A 284 -2.96 -25.08 26.95
N GLU A 285 -3.44 -24.80 25.74
CA GLU A 285 -3.83 -23.43 25.35
C GLU A 285 -5.08 -22.98 26.08
N ILE A 286 -5.17 -21.68 26.31
CA ILE A 286 -6.37 -21.11 26.89
C ILE A 286 -7.28 -20.63 25.75
N GLU A 287 -8.51 -21.14 25.68
CA GLU A 287 -9.47 -20.70 24.66
C GLU A 287 -10.25 -19.47 25.13
N PHE A 288 -10.71 -18.67 24.16
CA PHE A 288 -11.68 -17.60 24.45
C PHE A 288 -12.54 -17.41 23.20
N THR A 289 -13.67 -16.74 23.33
CA THR A 289 -14.50 -16.48 22.17
C THR A 289 -14.69 -15.00 21.94
N VAL A 290 -14.81 -14.63 20.66
CA VAL A 290 -15.12 -13.26 20.25
C VAL A 290 -16.58 -13.25 19.78
N SER A 291 -17.36 -12.32 20.32
CA SER A 291 -18.77 -12.21 19.97
C SER A 291 -19.07 -10.73 19.83
N GLN A 292 -20.33 -10.42 19.56
CA GLN A 292 -20.75 -9.02 19.45
C GLN A 292 -20.44 -8.22 20.71
N THR A 293 -20.50 -8.87 21.85
CA THR A 293 -20.46 -8.17 23.14
C THR A 293 -19.28 -8.56 24.02
N SER A 294 -18.24 -9.12 23.40
CA SER A 294 -17.07 -9.58 24.14
C SER A 294 -16.03 -8.47 24.38
N TYR A 295 -16.31 -7.27 23.88
CA TYR A 295 -15.46 -6.10 24.16
C TYR A 295 -16.27 -4.89 24.63
N ASN A 296 -17.32 -4.55 23.88
CA ASN A 296 -18.29 -3.50 24.23
C ASN A 296 -19.61 -4.18 24.59
N THR A 297 -20.25 -3.78 25.69
CA THR A 297 -21.52 -4.43 26.04
C THR A 297 -22.66 -4.00 25.10
N LYS A 298 -22.54 -2.79 24.57
CA LYS A 298 -23.62 -2.16 23.82
C LYS A 298 -23.12 -1.46 22.55
N PRO A 299 -22.58 -2.24 21.58
CA PRO A 299 -21.96 -1.65 20.38
C PRO A 299 -22.92 -0.87 19.49
N THR A 300 -24.20 -1.23 19.48
CA THR A 300 -25.16 -0.46 18.67
C THR A 300 -25.35 0.97 19.20
N ASP A 301 -25.01 1.17 20.48
CA ASP A 301 -25.30 2.44 21.17
C ASP A 301 -24.12 3.40 21.25
N ILE A 302 -23.00 3.08 20.57
CA ILE A 302 -21.78 3.89 20.67
C ILE A 302 -21.15 4.11 19.29
N THR A 303 -20.25 5.11 19.16
CA THR A 303 -19.48 5.34 17.93
C THR A 303 -17.96 5.22 18.17
N VAL A 304 -17.60 4.84 19.38
CA VAL A 304 -16.23 4.56 19.75
C VAL A 304 -16.24 3.56 20.91
N ASP A 305 -15.26 2.67 20.91
CA ASP A 305 -15.19 1.57 21.88
C ASP A 305 -15.35 2.05 23.33
N SER A 306 -16.19 1.35 24.08
CA SER A 306 -16.32 1.54 25.53
C SER A 306 -15.38 0.63 26.32
N ALA A 307 -15.04 -0.54 25.76
CA ALA A 307 -14.20 -1.53 26.46
C ALA A 307 -14.72 -1.91 27.86
N ASP A 308 -16.02 -2.13 27.97
CA ASP A 308 -16.66 -2.40 29.26
C ASP A 308 -17.06 -3.87 29.51
N ALA A 309 -16.95 -4.73 28.49
CA ALA A 309 -17.22 -6.16 28.67
C ALA A 309 -16.33 -6.76 29.75
N THR A 310 -16.87 -7.76 30.44
CA THR A 310 -16.16 -8.45 31.52
C THR A 310 -15.00 -9.22 30.91
N PRO A 311 -13.77 -8.93 31.34
CA PRO A 311 -12.63 -9.70 30.83
C PRO A 311 -12.66 -11.16 31.28
N ASP A 312 -12.10 -12.08 30.50
CA ASP A 312 -11.88 -13.46 31.00
C ASP A 312 -10.71 -13.42 31.96
N THR A 313 -10.87 -14.07 33.10
CA THR A 313 -9.76 -14.30 34.01
C THR A 313 -8.98 -15.52 33.56
N ILE A 314 -7.66 -15.36 33.46
CA ILE A 314 -6.77 -16.47 33.18
C ILE A 314 -5.98 -16.78 34.44
N LYS A 315 -6.10 -18.03 34.91
CA LYS A 315 -5.43 -18.48 36.12
C LYS A 315 -3.99 -18.94 35.83
N ASN A 316 -3.10 -18.79 36.81
CA ASN A 316 -1.75 -19.37 36.76
C ASN A 316 -1.49 -20.18 38.04
N ASN A 317 -0.73 -21.25 37.91
CA ASN A 317 -0.38 -22.07 39.08
C ASN A 317 1.06 -21.84 39.50
N LYS A 318 1.28 -21.83 40.83
CA LYS A 318 2.59 -21.54 41.43
C LYS A 318 3.60 -22.66 41.24
N ARG A 319 4.88 -22.23 41.15
CA ARG A 319 5.99 -23.14 41.04
C ARG A 319 6.29 -23.76 42.40
N ASP B 5 -8.06 11.82 -28.52
CA ASP B 5 -6.87 11.01 -28.88
C ASP B 5 -5.62 11.66 -28.31
N GLU B 6 -5.83 12.64 -27.45
CA GLU B 6 -4.76 13.44 -26.87
C GLU B 6 -3.96 12.67 -25.79
N PRO B 7 -2.68 13.02 -25.61
CA PRO B 7 -1.81 12.20 -24.76
C PRO B 7 -2.27 12.00 -23.31
N LYS B 8 -2.18 10.76 -22.84
CA LYS B 8 -2.26 10.45 -21.42
C LYS B 8 -0.85 10.12 -20.95
N THR B 9 -0.50 10.55 -19.74
CA THR B 9 0.86 10.40 -19.22
C THR B 9 0.89 9.71 -17.86
N ASP B 10 2.01 9.06 -17.58
CA ASP B 10 2.25 8.35 -16.33
C ASP B 10 3.75 8.25 -16.09
N LYS B 11 4.12 8.11 -14.82
CA LYS B 11 5.53 7.88 -14.46
C LYS B 11 5.61 6.62 -13.60
N ASP B 12 6.66 5.82 -13.84
CA ASP B 12 6.95 4.63 -13.03
C ASP B 12 8.36 4.72 -12.47
N VAL B 13 8.67 3.82 -11.55
CA VAL B 13 10.01 3.69 -10.99
C VAL B 13 10.38 2.21 -10.95
N LYS B 14 11.69 1.96 -11.08
CA LYS B 14 12.30 0.63 -11.09
C LYS B 14 12.04 -0.14 -12.39
N LYS B 15 10.78 -0.41 -12.70
CA LYS B 15 10.39 -1.13 -13.92
C LYS B 15 9.03 -0.65 -14.37
N LEU B 16 8.67 -0.93 -15.62
CA LEU B 16 7.36 -0.55 -16.12
C LEU B 16 6.28 -1.24 -15.28
N GLY B 17 5.28 -0.45 -14.89
CA GLY B 17 4.15 -0.93 -14.11
C GLY B 17 4.30 -0.77 -12.62
N GLN B 18 5.49 -0.41 -12.14
CA GLN B 18 5.79 -0.26 -10.71
C GLN B 18 5.85 1.22 -10.28
N ASP B 19 5.25 1.55 -9.13
CA ASP B 19 5.11 2.94 -8.65
C ASP B 19 5.87 3.26 -7.35
N ASP B 20 6.42 2.23 -6.71
CA ASP B 20 7.05 2.39 -5.39
C ASP B 20 8.28 1.51 -5.28
N ALA B 21 9.38 2.06 -4.77
CA ALA B 21 10.63 1.30 -4.65
C ALA B 21 11.55 1.88 -3.57
N GLY B 22 12.31 0.99 -2.92
CA GLY B 22 13.26 1.41 -1.89
C GLY B 22 14.67 1.05 -2.32
N TYR B 23 15.59 1.98 -2.08
CA TYR B 23 16.99 1.88 -2.53
C TYR B 23 17.97 2.36 -1.47
N THR B 24 19.16 1.77 -1.49
CA THR B 24 20.31 2.29 -0.78
C THR B 24 20.82 3.56 -1.52
N ILE B 25 21.21 4.57 -0.76
CA ILE B 25 21.74 5.81 -1.31
C ILE B 25 22.92 5.48 -2.24
N GLY B 26 22.91 6.05 -3.44
CA GLY B 26 23.98 5.84 -4.39
C GLY B 26 23.76 4.75 -5.42
N GLU B 27 22.80 3.85 -5.21
CA GLU B 27 22.47 2.84 -6.22
C GLU B 27 21.67 3.49 -7.34
N GLU B 28 22.14 3.29 -8.57
CA GLU B 28 21.44 3.82 -9.73
C GLU B 28 20.23 2.97 -10.08
N PHE B 29 19.13 3.63 -10.45
CA PHE B 29 17.91 2.97 -10.91
C PHE B 29 17.23 3.86 -11.97
N LYS B 30 16.16 3.36 -12.58
CA LYS B 30 15.46 4.12 -13.63
C LYS B 30 14.08 4.61 -13.15
N TRP B 31 13.76 5.87 -13.46
CA TRP B 31 12.36 6.30 -13.51
C TRP B 31 11.94 6.06 -14.95
N PHE B 32 10.63 5.93 -15.19
CA PHE B 32 10.14 5.83 -16.56
C PHE B 32 9.09 6.88 -16.83
N LEU B 33 9.41 7.80 -17.73
CA LEU B 33 8.44 8.80 -18.16
C LEU B 33 7.66 8.22 -19.34
N LYS B 34 6.34 8.14 -19.20
CA LYS B 34 5.51 7.46 -20.21
C LYS B 34 4.38 8.33 -20.77
N SER B 35 4.07 8.12 -22.05
CA SER B 35 2.95 8.81 -22.71
C SER B 35 2.34 7.94 -23.79
N THR B 36 1.01 7.96 -23.87
CA THR B 36 0.35 7.40 -25.04
C THR B 36 0.73 8.28 -26.23
N ILE B 37 0.74 7.66 -27.40
CA ILE B 37 1.03 8.35 -28.66
C ILE B 37 -0.23 8.52 -29.49
N PRO B 38 -0.64 9.79 -29.71
CA PRO B 38 -1.82 10.11 -30.50
C PRO B 38 -1.69 9.53 -31.92
N ALA B 39 -2.76 8.93 -32.43
CA ALA B 39 -2.79 8.47 -33.82
C ALA B 39 -2.46 9.58 -34.81
N ASN B 40 -2.81 10.83 -34.48
CA ASN B 40 -2.49 11.96 -35.34
C ASN B 40 -1.24 12.75 -34.90
N LEU B 41 -0.24 12.05 -34.36
CA LEU B 41 1.00 12.71 -33.93
C LEU B 41 1.59 13.60 -35.02
N GLY B 42 1.41 13.19 -36.27
CA GLY B 42 1.90 13.93 -37.43
C GLY B 42 1.47 15.38 -37.44
N ASP B 43 0.29 15.67 -36.87
CA ASP B 43 -0.23 17.06 -36.81
C ASP B 43 0.42 17.97 -35.76
N TYR B 44 1.14 17.37 -34.81
CA TYR B 44 1.52 18.08 -33.60
C TYR B 44 2.54 19.21 -33.78
N GLU B 45 2.30 20.33 -33.13
CA GLU B 45 3.17 21.49 -33.22
C GLU B 45 4.07 21.64 -32.01
N LYS B 46 3.82 20.82 -30.98
CA LYS B 46 4.65 20.82 -29.77
C LYS B 46 4.45 19.53 -29.00
N PHE B 47 5.53 19.06 -28.40
CA PHE B 47 5.51 17.85 -27.59
C PHE B 47 6.75 17.89 -26.72
N GLU B 48 6.60 18.49 -25.54
CA GLU B 48 7.71 18.81 -24.68
C GLU B 48 7.46 18.35 -23.25
N ILE B 49 8.45 17.61 -22.72
CA ILE B 49 8.36 17.10 -21.36
C ILE B 49 9.33 17.82 -20.43
N THR B 50 8.81 18.25 -19.28
CA THR B 50 9.59 18.90 -18.20
C THR B 50 9.48 18.11 -16.91
N ASP B 51 10.61 17.83 -16.30
CA ASP B 51 10.64 17.05 -15.04
C ASP B 51 11.63 17.71 -14.08
N LYS B 52 11.10 18.31 -13.02
CA LYS B 52 11.93 18.85 -11.95
C LYS B 52 12.23 17.78 -10.90
N PHE B 53 13.49 17.38 -10.80
CA PHE B 53 13.84 16.37 -9.83
C PHE B 53 14.03 16.92 -8.42
N ALA B 54 13.42 16.23 -7.46
CA ALA B 54 13.52 16.57 -6.03
C ALA B 54 14.99 16.65 -5.57
N ASP B 55 15.24 17.47 -4.54
CA ASP B 55 16.60 17.69 -3.98
C ASP B 55 17.33 16.39 -3.68
N GLY B 56 16.59 15.43 -3.12
CA GLY B 56 17.14 14.13 -2.70
C GLY B 56 17.42 13.18 -3.84
N LEU B 57 17.19 13.63 -5.06
CA LEU B 57 17.53 12.84 -6.24
C LEU B 57 18.65 13.45 -7.02
N THR B 58 19.58 12.59 -7.44
CA THR B 58 20.64 12.97 -8.36
C THR B 58 20.42 12.32 -9.73
N TYR B 59 20.15 13.17 -10.73
CA TYR B 59 20.01 12.78 -12.12
C TYR B 59 21.33 12.25 -12.65
N LYS B 60 21.28 11.15 -13.40
CA LYS B 60 22.49 10.59 -13.99
C LYS B 60 22.50 10.70 -15.51
N SER B 61 21.43 10.23 -16.14
CA SER B 61 21.41 10.15 -17.62
C SER B 61 20.02 9.84 -18.14
N VAL B 62 19.77 10.17 -19.42
CA VAL B 62 18.52 9.74 -20.07
C VAL B 62 18.89 8.52 -20.89
N GLY B 63 18.10 7.45 -20.77
CA GLY B 63 18.36 6.24 -21.53
C GLY B 63 17.78 6.23 -22.94
N LYS B 64 17.61 5.02 -23.49
CA LYS B 64 17.12 4.89 -24.85
C LYS B 64 15.61 5.07 -24.90
N ILE B 65 15.17 6.09 -25.62
CA ILE B 65 13.75 6.42 -25.76
C ILE B 65 13.10 5.49 -26.81
N LYS B 66 11.97 4.88 -26.42
CA LYS B 66 11.33 3.81 -27.20
C LYS B 66 9.89 4.16 -27.52
N ILE B 67 9.42 3.82 -28.71
CA ILE B 67 7.98 3.70 -28.93
C ILE B 67 7.76 2.31 -29.46
N GLY B 68 7.04 1.48 -28.70
CA GLY B 68 7.00 0.05 -28.99
C GLY B 68 8.44 -0.42 -29.09
N SER B 69 8.75 -1.15 -30.16
CA SER B 69 10.10 -1.72 -30.34
C SER B 69 11.08 -0.72 -30.93
N LYS B 70 10.57 0.46 -31.32
CA LYS B 70 11.36 1.42 -32.10
C LYS B 70 12.10 2.41 -31.23
N THR B 71 13.29 2.77 -31.69
CA THR B 71 14.14 3.70 -30.98
C THR B 71 14.01 5.09 -31.59
N LEU B 72 13.97 6.10 -30.72
CA LEU B 72 14.13 7.48 -31.16
C LEU B 72 15.55 7.98 -30.84
N ASN B 73 16.07 8.84 -31.70
CA ASN B 73 17.46 9.27 -31.64
C ASN B 73 17.69 10.69 -31.17
N ARG B 74 18.58 10.81 -30.19
CA ARG B 74 18.93 12.11 -29.62
C ARG B 74 19.56 12.99 -30.70
N ASP B 75 19.08 14.23 -30.74
CA ASP B 75 19.46 15.24 -31.72
C ASP B 75 18.93 15.01 -33.14
N GLU B 76 18.22 13.91 -33.37
CA GLU B 76 17.47 13.71 -34.60
C GLU B 76 15.99 13.95 -34.30
N HIS B 77 15.42 13.13 -33.40
CA HIS B 77 13.99 13.23 -33.06
C HIS B 77 13.64 14.14 -31.90
N TYR B 78 14.61 14.40 -31.02
CA TYR B 78 14.36 15.14 -29.79
C TYR B 78 15.66 15.74 -29.31
N THR B 79 15.55 16.71 -28.40
CA THR B 79 16.71 17.31 -27.75
C THR B 79 16.52 17.28 -26.23
N ILE B 80 17.64 17.16 -25.51
CA ILE B 80 17.62 17.12 -24.06
C ILE B 80 18.29 18.37 -23.48
N ASP B 81 17.64 18.96 -22.50
CA ASP B 81 18.28 19.91 -21.60
C ASP B 81 18.42 19.21 -20.23
N GLU B 82 19.66 18.95 -19.84
CA GLU B 82 19.94 18.18 -18.62
C GLU B 82 19.80 19.01 -17.35
N PRO B 83 19.37 18.36 -16.24
CA PRO B 83 19.32 19.00 -14.92
C PRO B 83 20.70 19.51 -14.48
N THR B 84 20.71 20.74 -13.97
CA THR B 84 21.93 21.38 -13.47
C THR B 84 21.49 22.18 -12.26
N VAL B 85 22.47 22.65 -11.50
CA VAL B 85 22.21 23.48 -10.33
C VAL B 85 21.39 24.71 -10.72
N ASP B 86 21.80 25.38 -11.79
CA ASP B 86 21.16 26.64 -12.13
C ASP B 86 19.84 26.52 -12.90
N ASN B 87 19.42 25.32 -13.29
CA ASN B 87 18.03 25.14 -13.73
C ASN B 87 17.17 24.43 -12.69
N GLN B 88 17.71 24.34 -11.47
CA GLN B 88 17.04 23.74 -10.30
C GLN B 88 16.73 22.26 -10.52
N ASN B 89 17.68 21.54 -11.12
CA ASN B 89 17.57 20.09 -11.26
C ASN B 89 16.44 19.68 -12.20
N THR B 90 16.26 20.45 -13.27
CA THR B 90 15.15 20.26 -14.20
C THR B 90 15.60 19.70 -15.54
N LEU B 91 14.99 18.57 -15.90
CA LEU B 91 15.19 17.91 -17.18
C LEU B 91 14.10 18.39 -18.13
N LYS B 92 14.48 18.69 -19.36
CA LYS B 92 13.53 18.95 -20.44
C LYS B 92 13.83 18.04 -21.63
N ILE B 93 12.79 17.42 -22.17
CA ILE B 93 12.93 16.66 -23.42
C ILE B 93 11.99 17.25 -24.46
N THR B 94 12.56 17.76 -25.54
CA THR B 94 11.79 18.44 -26.56
C THR B 94 11.75 17.60 -27.81
N PHE B 95 10.58 17.07 -28.15
CA PHE B 95 10.45 16.38 -29.43
C PHE B 95 10.31 17.42 -30.55
N LYS B 96 11.11 17.26 -31.61
CA LYS B 96 11.20 18.29 -32.65
C LYS B 96 9.92 18.35 -33.48
N PRO B 97 9.25 19.51 -33.47
CA PRO B 97 7.98 19.59 -34.19
C PRO B 97 8.08 19.25 -35.68
N GLU B 98 9.17 19.66 -36.32
CA GLU B 98 9.40 19.36 -37.74
C GLU B 98 9.63 17.87 -38.02
N LYS B 99 9.84 17.09 -36.95
CA LYS B 99 9.99 15.66 -37.04
C LYS B 99 8.72 14.90 -36.65
N PHE B 100 7.61 15.59 -36.45
CA PHE B 100 6.43 14.88 -35.98
C PHE B 100 5.91 13.86 -37.00
N LYS B 101 5.93 14.19 -38.29
CA LYS B 101 5.55 13.21 -39.31
C LYS B 101 6.53 12.06 -39.42
N GLU B 102 7.83 12.34 -39.31
CA GLU B 102 8.83 11.27 -39.40
C GLU B 102 8.66 10.27 -38.26
N ILE B 103 8.38 10.77 -37.06
CA ILE B 103 8.14 9.90 -35.91
C ILE B 103 6.90 9.05 -36.14
N ALA B 104 5.81 9.69 -36.55
CA ALA B 104 4.56 8.99 -36.91
C ALA B 104 4.76 7.87 -37.93
N GLU B 105 5.64 8.09 -38.91
CA GLU B 105 5.97 7.06 -39.92
C GLU B 105 6.47 5.77 -39.28
N LEU B 106 7.17 5.89 -38.16
CA LEU B 106 7.78 4.74 -37.49
C LEU B 106 6.76 3.77 -36.89
N LEU B 107 5.58 4.30 -36.62
CA LEU B 107 4.52 3.62 -35.87
C LEU B 107 3.52 2.85 -36.72
N LYS B 108 3.73 2.86 -38.03
CA LYS B 108 2.94 2.03 -38.94
C LYS B 108 3.24 0.56 -38.65
N GLY B 109 2.20 -0.21 -38.42
CA GLY B 109 2.40 -1.61 -38.06
C GLY B 109 2.37 -1.87 -36.56
N MET B 110 2.36 -0.79 -35.78
CA MET B 110 2.17 -0.87 -34.32
C MET B 110 0.74 -0.57 -33.90
N THR B 111 0.32 -1.17 -32.79
CA THR B 111 -0.99 -0.86 -32.22
C THR B 111 -0.74 -0.05 -30.96
N LEU B 112 -1.31 1.16 -30.90
CA LEU B 112 -0.97 2.11 -29.82
C LEU B 112 -1.88 2.00 -28.62
N VAL B 113 -1.28 2.00 -27.43
CA VAL B 113 -2.03 2.14 -26.17
C VAL B 113 -2.84 3.45 -26.21
N LYS B 114 -4.10 3.36 -25.81
CA LYS B 114 -5.02 4.51 -25.90
C LYS B 114 -5.49 5.10 -24.55
N ASN B 115 -5.61 4.26 -23.52
CA ASN B 115 -6.26 4.72 -22.30
C ASN B 115 -5.32 4.89 -21.13
N GLN B 116 -5.68 5.79 -20.22
CA GLN B 116 -4.90 6.00 -19.01
C GLN B 116 -4.55 4.71 -18.27
N ASP B 117 -5.56 3.92 -17.86
CA ASP B 117 -5.30 2.74 -17.04
C ASP B 117 -4.40 1.72 -17.74
N ALA B 118 -4.60 1.54 -19.05
CA ALA B 118 -3.76 0.63 -19.84
C ALA B 118 -2.31 1.13 -19.87
N LEU B 119 -2.11 2.44 -19.98
CA LEU B 119 -0.76 3.00 -19.87
C LEU B 119 -0.13 2.73 -18.48
N ASP B 120 -0.88 3.11 -17.43
CA ASP B 120 -0.47 2.90 -16.03
C ASP B 120 -0.05 1.47 -15.71
N LYS B 121 -0.82 0.51 -16.21
CA LYS B 121 -0.66 -0.90 -15.87
C LYS B 121 0.30 -1.68 -16.78
N ALA B 122 0.75 -1.07 -17.86
CA ALA B 122 1.72 -1.70 -18.78
C ALA B 122 3.00 -2.14 -18.08
N THR B 123 3.46 -3.36 -18.38
CA THR B 123 4.66 -3.90 -17.76
C THR B 123 5.75 -4.11 -18.82
N ALA B 124 5.37 -3.85 -20.07
CA ALA B 124 6.30 -3.92 -21.20
C ALA B 124 5.82 -2.96 -22.29
N ASN B 125 6.72 -2.60 -23.18
CA ASN B 125 6.42 -1.70 -24.30
C ASN B 125 6.72 -2.45 -25.61
N THR B 126 5.66 -2.85 -26.34
CA THR B 126 5.81 -3.67 -27.54
C THR B 126 5.04 -3.11 -28.73
N ASP B 127 5.32 -3.64 -29.92
CA ASP B 127 4.63 -3.18 -31.13
C ASP B 127 3.10 -3.30 -31.05
N ASP B 128 2.60 -4.31 -30.35
CA ASP B 128 1.16 -4.57 -30.27
C ASP B 128 0.45 -3.78 -29.18
N ALA B 129 1.23 -3.11 -28.34
CA ALA B 129 0.69 -2.28 -27.27
C ALA B 129 1.76 -1.23 -26.98
N ALA B 130 1.90 -0.28 -27.91
CA ALA B 130 3.05 0.62 -27.91
C ALA B 130 2.73 1.97 -27.30
N PHE B 131 3.69 2.48 -26.53
CA PHE B 131 3.64 3.84 -26.03
C PHE B 131 5.06 4.42 -25.99
N LEU B 132 5.13 5.72 -25.67
CA LEU B 132 6.41 6.44 -25.50
C LEU B 132 6.99 6.19 -24.12
N GLU B 133 8.24 5.75 -24.08
CA GLU B 133 8.91 5.34 -22.84
C GLU B 133 10.27 6.04 -22.80
N ILE B 134 10.47 6.86 -21.76
CA ILE B 134 11.72 7.58 -21.53
C ILE B 134 12.32 7.16 -20.19
N PRO B 135 13.35 6.29 -20.22
CA PRO B 135 13.99 5.91 -18.98
C PRO B 135 14.97 6.96 -18.51
N VAL B 136 14.95 7.28 -17.23
CA VAL B 136 15.87 8.30 -16.70
C VAL B 136 16.59 7.68 -15.52
N ALA B 137 17.92 7.60 -15.62
CA ALA B 137 18.74 7.03 -14.55
C ALA B 137 18.94 8.06 -13.44
N SER B 138 18.88 7.59 -12.20
CA SER B 138 18.79 8.45 -11.02
C SER B 138 19.37 7.72 -9.80
N THR B 139 19.84 8.46 -8.78
CA THR B 139 20.14 7.88 -7.46
C THR B 139 19.43 8.67 -6.37
N ILE B 140 19.19 8.05 -5.22
CA ILE B 140 18.86 8.81 -4.04
C ILE B 140 20.20 9.28 -3.44
N ASN B 141 20.27 10.57 -3.09
CA ASN B 141 21.46 11.17 -2.49
C ASN B 141 21.32 11.47 -0.99
N GLU B 142 22.32 12.18 -0.43
CA GLU B 142 22.41 12.42 1.01
C GLU B 142 21.41 13.43 1.53
N LYS B 143 20.71 14.12 0.63
CA LYS B 143 19.71 15.08 1.07
C LYS B 143 18.36 14.41 1.37
N ALA B 144 18.27 13.09 1.14
CA ALA B 144 17.05 12.33 1.43
C ALA B 144 16.76 12.31 2.93
N VAL B 145 15.50 12.54 3.31
CA VAL B 145 15.06 12.26 4.67
C VAL B 145 14.81 10.75 4.79
N LEU B 146 15.45 10.11 5.76
CA LEU B 146 15.33 8.65 5.92
C LEU B 146 13.91 8.26 6.34
N GLY B 147 13.29 7.40 5.53
CA GLY B 147 11.93 6.91 5.75
C GLY B 147 10.86 7.73 5.05
N LYS B 148 11.28 8.76 4.32
CA LYS B 148 10.32 9.66 3.68
C LYS B 148 10.19 9.35 2.20
N ALA B 149 8.96 9.37 1.68
CA ALA B 149 8.73 9.25 0.24
C ALA B 149 9.34 10.43 -0.56
N ILE B 150 10.13 10.10 -1.58
CA ILE B 150 10.67 11.10 -2.51
C ILE B 150 9.97 10.88 -3.84
N GLU B 151 9.10 11.82 -4.21
CA GLU B 151 8.23 11.67 -5.38
C GLU B 151 8.88 12.20 -6.63
N ASN B 152 8.42 11.70 -7.77
CA ASN B 152 8.73 12.29 -9.07
C ASN B 152 7.51 12.32 -9.95
N THR B 153 7.47 13.34 -10.80
CA THR B 153 6.47 13.48 -11.83
C THR B 153 7.01 14.36 -12.95
N PHE B 154 6.21 14.55 -14.00
CA PHE B 154 6.61 15.42 -15.08
C PHE B 154 5.35 15.97 -15.73
N GLU B 155 5.53 17.02 -16.51
CA GLU B 155 4.43 17.55 -17.30
C GLU B 155 4.76 17.56 -18.78
N LEU B 156 3.82 17.08 -19.58
CA LEU B 156 3.88 17.17 -21.02
C LEU B 156 3.05 18.35 -21.50
N GLN B 157 3.68 19.25 -22.25
CA GLN B 157 2.99 20.29 -23.03
C GLN B 157 2.91 19.83 -24.46
N TYR B 158 1.68 19.66 -24.93
CA TYR B 158 1.45 19.19 -26.28
C TYR B 158 0.54 20.14 -27.04
N ASP B 159 0.83 20.32 -28.32
CA ASP B 159 -0.02 21.09 -29.21
C ASP B 159 -0.49 20.17 -30.36
N HIS B 160 -1.74 19.72 -30.28
CA HIS B 160 -2.33 18.79 -31.24
C HIS B 160 -2.95 19.44 -32.47
N THR B 161 -3.09 20.76 -32.44
CA THR B 161 -3.73 21.52 -33.52
C THR B 161 -2.71 22.07 -34.53
N PRO B 162 -2.81 21.62 -35.78
CA PRO B 162 -1.97 22.14 -36.86
C PRO B 162 -2.55 23.44 -37.45
N ASP B 163 -2.84 24.40 -36.58
CA ASP B 163 -3.43 25.69 -36.96
C ASP B 163 -2.43 26.84 -37.07
N LYS B 164 -1.15 26.55 -36.84
CA LYS B 164 -0.06 27.55 -36.87
C LYS B 164 -0.18 28.57 -35.74
N ALA B 165 -0.87 28.16 -34.67
CA ALA B 165 -0.96 28.97 -33.47
C ALA B 165 -0.33 28.18 -32.33
N ASP B 166 0.51 28.85 -31.54
CA ASP B 166 1.18 28.22 -30.40
C ASP B 166 0.21 28.13 -29.22
N ASN B 167 -0.56 27.05 -29.17
CA ASN B 167 -1.59 26.87 -28.13
C ASN B 167 -1.57 25.47 -27.47
N PRO B 168 -0.47 25.17 -26.73
CA PRO B 168 -0.36 23.86 -26.07
C PRO B 168 -1.32 23.66 -24.91
N LYS B 169 -1.50 22.39 -24.55
CA LYS B 169 -2.28 21.98 -23.37
C LYS B 169 -1.37 21.06 -22.52
N PRO B 170 -1.66 20.96 -21.20
CA PRO B 170 -0.88 20.04 -20.38
C PRO B 170 -1.45 18.62 -20.33
N SER B 171 -0.55 17.64 -20.18
CA SER B 171 -0.96 16.30 -19.74
C SER B 171 -0.06 15.93 -18.57
N ASN B 172 -0.65 15.38 -17.50
CA ASN B 172 0.10 15.05 -16.27
C ASN B 172 -0.30 13.69 -15.73
N PRO B 173 0.67 12.91 -15.20
CA PRO B 173 0.38 11.68 -14.49
C PRO B 173 -0.62 11.91 -13.33
N PRO B 174 -1.71 11.13 -13.30
CA PRO B 174 -2.68 11.28 -12.20
C PRO B 174 -2.05 10.97 -10.84
N ARG B 175 -1.12 10.03 -10.82
CA ARG B 175 -0.43 9.59 -9.59
C ARG B 175 1.10 9.71 -9.74
N LYS B 176 1.77 10.07 -8.65
CA LYS B 176 3.23 10.20 -8.65
C LYS B 176 3.89 8.93 -8.06
N PRO B 177 4.87 8.35 -8.79
CA PRO B 177 5.64 7.25 -8.20
C PRO B 177 6.63 7.83 -7.19
N GLU B 178 7.16 6.99 -6.30
CA GLU B 178 8.08 7.48 -5.24
C GLU B 178 9.15 6.47 -4.87
N VAL B 179 10.29 6.96 -4.39
CA VAL B 179 11.34 6.11 -3.82
C VAL B 179 11.68 6.51 -2.37
N HIS B 180 12.41 5.65 -1.66
CA HIS B 180 12.73 5.85 -0.25
C HIS B 180 13.98 5.09 0.17
N THR B 181 14.60 5.56 1.25
CA THR B 181 15.79 4.96 1.81
C THR B 181 15.69 5.18 3.31
N GLY B 182 16.38 4.36 4.10
CA GLY B 182 16.24 4.42 5.55
C GLY B 182 17.55 4.35 6.31
N GLY B 183 17.46 4.31 7.63
CA GLY B 183 18.66 4.14 8.44
C GLY B 183 18.42 3.34 9.70
N LYS B 184 19.49 3.19 10.50
CA LYS B 184 19.39 2.48 11.78
C LYS B 184 20.34 3.03 12.84
N ARG B 185 19.85 3.12 14.06
CA ARG B 185 20.59 3.67 15.19
C ARG B 185 20.95 2.56 16.20
N PHE B 186 22.12 2.70 16.81
CA PHE B 186 22.64 1.62 17.66
C PHE B 186 23.28 2.19 18.92
N VAL B 187 23.18 1.44 20.03
CA VAL B 187 24.04 1.67 21.19
C VAL B 187 24.66 0.37 21.70
N LYS B 188 25.98 0.39 21.82
CA LYS B 188 26.75 -0.74 22.32
C LYS B 188 26.90 -0.66 23.84
N LYS B 189 26.59 -1.76 24.52
CA LYS B 189 26.63 -1.82 25.99
C LYS B 189 27.26 -3.12 26.48
N ASP B 190 27.35 -3.28 27.80
CA ASP B 190 27.74 -4.56 28.42
C ASP B 190 26.59 -5.59 28.40
N SER B 191 26.83 -6.76 29.00
CA SER B 191 25.84 -7.83 29.05
C SER B 191 24.58 -7.47 29.84
N THR B 192 24.69 -6.53 30.75
CA THR B 192 23.56 -6.17 31.61
C THR B 192 22.85 -4.90 31.14
N GLU B 193 23.28 -4.39 29.98
CA GLU B 193 22.77 -3.13 29.43
C GLU B 193 22.96 -1.97 30.38
N THR B 194 24.01 -2.03 31.21
CA THR B 194 24.31 -0.99 32.20
C THR B 194 25.40 -0.03 31.75
N GLN B 195 26.44 -0.58 31.13
CA GLN B 195 27.59 0.22 30.73
C GLN B 195 27.66 0.33 29.20
N THR B 196 27.60 1.57 28.70
CA THR B 196 27.80 1.84 27.26
C THR B 196 29.28 1.71 26.93
N LEU B 197 29.58 1.08 25.79
CA LEU B 197 30.96 0.72 25.42
C LEU B 197 31.41 1.25 24.05
N GLY B 198 32.62 1.81 24.01
CA GLY B 198 33.24 2.27 22.75
C GLY B 198 34.31 1.32 22.20
N GLY B 199 34.60 1.47 20.89
CA GLY B 199 35.67 0.71 20.26
C GLY B 199 35.29 -0.64 19.66
N ALA B 200 34.02 -1.03 19.81
CA ALA B 200 33.55 -2.23 19.15
C ALA B 200 33.55 -1.97 17.65
N GLU B 201 33.87 -2.98 16.85
CA GLU B 201 33.85 -2.83 15.40
C GLU B 201 32.99 -3.88 14.72
N PHE B 202 32.32 -3.48 13.64
CA PHE B 202 31.37 -4.34 12.92
C PHE B 202 31.43 -4.20 11.40
N ASP B 203 31.36 -5.33 10.71
CA ASP B 203 31.17 -5.37 9.27
C ASP B 203 29.68 -5.28 8.97
N LEU B 204 29.28 -4.37 8.09
CA LEU B 204 27.89 -4.31 7.67
C LEU B 204 27.65 -5.28 6.52
N LEU B 205 26.69 -6.19 6.69
CA LEU B 205 26.34 -7.20 5.68
C LEU B 205 24.86 -7.12 5.28
N ALA B 206 24.56 -7.56 4.07
CA ALA B 206 23.18 -7.79 3.65
C ALA B 206 22.68 -9.08 4.30
N SER B 207 21.37 -9.33 4.21
CA SER B 207 20.76 -10.52 4.81
C SER B 207 21.36 -11.82 4.26
N ASP B 208 21.70 -11.81 2.97
CA ASP B 208 22.33 -12.95 2.29
C ASP B 208 23.82 -13.14 2.59
N GLY B 209 24.38 -12.27 3.44
CA GLY B 209 25.77 -12.39 3.85
C GLY B 209 26.78 -11.56 3.07
N THR B 210 26.38 -11.08 1.88
CA THR B 210 27.23 -10.20 1.06
C THR B 210 27.46 -8.89 1.82
N ALA B 211 28.71 -8.41 1.84
CA ALA B 211 29.02 -7.14 2.51
C ALA B 211 28.42 -5.96 1.76
N VAL B 212 28.02 -4.92 2.49
CA VAL B 212 27.59 -3.66 1.89
C VAL B 212 28.86 -2.80 1.68
N LYS B 213 28.99 -2.23 0.48
CA LYS B 213 30.15 -1.40 0.11
C LYS B 213 29.82 0.09 0.08
N TRP B 214 30.81 0.95 0.34
CA TRP B 214 30.62 2.39 0.25
C TRP B 214 30.45 2.89 -1.20
N THR B 215 29.84 4.07 -1.32
CA THR B 215 29.81 4.86 -2.56
C THR B 215 29.88 6.35 -2.19
N ASP B 216 30.14 7.20 -3.19
CA ASP B 216 30.37 8.63 -2.95
C ASP B 216 29.26 9.31 -2.16
N ALA B 217 28.01 9.10 -2.58
CA ALA B 217 26.90 9.77 -1.90
C ALA B 217 26.61 9.10 -0.57
N LEU B 218 26.85 7.79 -0.49
CA LEU B 218 26.69 7.04 0.78
C LEU B 218 27.74 7.46 1.81
N ILE B 219 28.92 7.86 1.35
CA ILE B 219 29.94 8.44 2.21
C ILE B 219 29.53 9.86 2.60
N LYS B 220 28.88 10.56 1.66
CA LYS B 220 28.34 11.90 1.92
C LYS B 220 27.17 11.85 2.90
N ALA B 221 26.53 10.68 2.97
CA ALA B 221 25.37 10.44 3.82
C ALA B 221 25.75 10.03 5.24
N ASN B 222 26.99 9.60 5.41
CA ASN B 222 27.51 9.14 6.71
C ASN B 222 28.79 9.88 7.07
N THR B 223 28.65 11.12 7.51
CA THR B 223 29.81 12.00 7.68
C THR B 223 30.46 11.98 9.08
N ASN B 224 29.82 11.32 10.05
CA ASN B 224 30.41 11.18 11.39
C ASN B 224 31.48 10.10 11.39
N LYS B 225 32.76 10.52 11.43
CA LYS B 225 33.88 9.58 11.36
C LYS B 225 34.01 8.68 12.61
N ASN B 226 33.41 9.11 13.71
CA ASN B 226 33.39 8.35 14.97
C ASN B 226 32.71 6.99 14.85
N TYR B 227 31.88 6.86 13.82
CA TYR B 227 31.10 5.65 13.62
C TYR B 227 31.70 4.76 12.56
N ILE B 228 32.78 5.23 11.93
CA ILE B 228 33.43 4.49 10.84
C ILE B 228 34.70 3.83 11.38
N ALA B 229 34.80 2.52 11.18
CA ALA B 229 35.99 1.80 11.62
C ALA B 229 37.05 1.87 10.53
N GLY B 230 37.92 2.86 10.64
CA GLY B 230 38.96 3.10 9.65
C GLY B 230 38.50 4.10 8.60
N GLU B 231 39.03 3.95 7.39
CA GLU B 231 38.78 4.94 6.34
C GLU B 231 37.66 4.50 5.40
N ALA B 232 36.68 5.37 5.23
CA ALA B 232 35.61 5.15 4.26
C ALA B 232 36.15 5.48 2.87
N VAL B 233 36.27 4.45 2.04
CA VAL B 233 36.57 4.66 0.62
C VAL B 233 35.56 3.96 -0.31
N THR B 234 35.01 4.74 -1.24
CA THR B 234 34.05 4.23 -2.24
C THR B 234 34.55 2.91 -2.79
N GLY B 235 33.69 1.90 -2.81
CA GLY B 235 34.02 0.58 -3.35
C GLY B 235 34.50 -0.43 -2.35
N GLN B 236 34.86 0.03 -1.15
CA GLN B 236 35.32 -0.85 -0.07
C GLN B 236 34.21 -1.24 0.93
N PRO B 237 34.28 -2.46 1.52
CA PRO B 237 33.29 -2.92 2.53
C PRO B 237 33.07 -1.92 3.65
N ILE B 238 31.81 -1.77 4.08
CA ILE B 238 31.47 -0.83 5.15
C ILE B 238 31.86 -1.44 6.51
N LYS B 239 32.67 -0.70 7.27
CA LYS B 239 33.05 -1.11 8.63
C LYS B 239 32.68 -0.01 9.62
N LEU B 240 31.93 -0.39 10.64
CA LEU B 240 31.45 0.53 11.64
C LEU B 240 32.12 0.27 12.98
N LYS B 241 32.01 1.25 13.88
CA LYS B 241 32.66 1.24 15.19
C LYS B 241 31.81 2.07 16.18
N SER B 242 31.68 1.58 17.42
CA SER B 242 30.99 2.37 18.45
C SER B 242 31.85 3.52 19.00
N HIS B 243 31.24 4.70 19.08
CA HIS B 243 31.89 5.89 19.62
C HIS B 243 32.04 5.73 21.15
N THR B 244 32.55 6.75 21.83
CA THR B 244 32.84 6.66 23.28
C THR B 244 31.60 6.71 24.18
N ASP B 245 30.45 7.03 23.60
CA ASP B 245 29.17 6.94 24.29
C ASP B 245 28.44 5.65 23.91
N GLY B 246 29.15 4.75 23.24
CA GLY B 246 28.58 3.51 22.73
C GLY B 246 27.74 3.67 21.46
N THR B 247 27.47 4.90 21.03
CA THR B 247 26.59 5.12 19.87
C THR B 247 27.29 4.93 18.54
N PHE B 248 26.56 4.35 17.59
CA PHE B 248 26.87 4.44 16.15
C PHE B 248 25.61 4.28 15.32
N GLU B 249 25.69 4.66 14.04
CA GLU B 249 24.58 4.49 13.13
C GLU B 249 24.97 4.19 11.68
N ILE B 250 23.97 3.84 10.87
CA ILE B 250 24.15 3.66 9.43
C ILE B 250 23.01 4.38 8.72
N LYS B 251 23.36 5.18 7.71
CA LYS B 251 22.36 6.00 7.02
C LYS B 251 22.28 5.65 5.53
N GLY B 252 21.07 5.49 5.02
CA GLY B 252 20.83 5.32 3.59
C GLY B 252 20.74 3.92 3.04
N LEU B 253 20.20 2.99 3.83
CA LEU B 253 19.98 1.61 3.39
C LEU B 253 18.55 1.38 2.86
N ALA B 254 18.45 0.57 1.81
CA ALA B 254 17.15 0.18 1.22
C ALA B 254 16.23 -0.53 2.22
N TYR B 255 14.95 -0.16 2.19
CA TYR B 255 13.89 -0.92 2.85
C TYR B 255 12.66 -0.81 1.95
N ALA B 256 11.60 -1.58 2.24
CA ALA B 256 10.39 -1.56 1.41
C ALA B 256 10.76 -1.54 -0.07
N VAL B 257 11.53 -2.56 -0.46
CA VAL B 257 12.19 -2.59 -1.77
C VAL B 257 11.21 -2.50 -2.94
N ASP B 258 10.07 -3.19 -2.82
CA ASP B 258 9.02 -3.11 -3.83
C ASP B 258 7.69 -2.71 -3.22
N ALA B 259 7.72 -1.70 -2.35
CA ALA B 259 6.52 -1.29 -1.65
C ALA B 259 6.60 0.19 -1.38
N ASN B 260 5.51 0.79 -0.92
CA ASN B 260 5.54 2.20 -0.57
C ASN B 260 6.42 2.49 0.64
N ALA B 261 6.52 3.74 1.04
CA ALA B 261 7.45 4.17 2.10
C ALA B 261 7.12 3.64 3.49
N GLU B 262 5.93 3.06 3.64
CA GLU B 262 5.55 2.45 4.92
C GLU B 262 5.67 0.94 4.87
N GLY B 263 6.34 0.45 3.83
CA GLY B 263 6.32 -0.98 3.52
C GLY B 263 7.36 -1.84 4.20
N THR B 264 7.44 -3.09 3.74
CA THR B 264 8.19 -4.17 4.39
C THR B 264 9.62 -3.79 4.79
N ALA B 265 9.91 -3.89 6.10
CA ALA B 265 11.26 -3.73 6.65
C ALA B 265 12.21 -4.78 6.08
N VAL B 266 13.50 -4.42 5.97
CA VAL B 266 14.52 -5.30 5.40
C VAL B 266 15.59 -5.62 6.44
N THR B 267 16.01 -6.87 6.48
CA THR B 267 16.97 -7.33 7.48
C THR B 267 18.39 -7.14 6.97
N TYR B 268 19.25 -6.60 7.83
CA TYR B 268 20.69 -6.57 7.58
C TYR B 268 21.39 -7.20 8.78
N LYS B 269 22.70 -7.45 8.63
CA LYS B 269 23.51 -8.10 9.66
C LYS B 269 24.75 -7.28 10.00
N LEU B 270 25.17 -7.40 11.26
CA LEU B 270 26.46 -6.88 11.70
C LEU B 270 27.30 -8.01 12.23
N LYS B 271 28.54 -8.09 11.76
CA LYS B 271 29.47 -9.10 12.23
C LYS B 271 30.47 -8.36 13.09
N GLU B 272 30.46 -8.65 14.40
CA GLU B 272 31.40 -8.01 15.31
C GLU B 272 32.81 -8.56 15.09
N THR B 273 33.72 -7.66 14.70
CA THR B 273 35.10 -8.03 14.40
C THR B 273 36.06 -7.63 15.51
N LYS B 274 35.62 -6.69 16.35
CA LYS B 274 36.42 -6.22 17.48
C LYS B 274 35.51 -5.83 18.63
N ALA B 275 35.79 -6.40 19.80
CA ALA B 275 35.04 -6.13 21.01
C ALA B 275 35.63 -4.92 21.75
N PRO B 276 34.82 -4.27 22.61
CA PRO B 276 35.36 -3.20 23.42
C PRO B 276 36.45 -3.74 24.35
N GLU B 277 37.34 -2.86 24.82
CA GLU B 277 38.42 -3.22 25.73
C GLU B 277 37.88 -4.02 26.93
N GLY B 278 38.30 -5.28 27.02
CA GLY B 278 37.94 -6.14 28.15
C GLY B 278 36.76 -7.06 27.94
N TYR B 279 36.20 -7.07 26.72
CA TYR B 279 35.03 -7.88 26.39
C TYR B 279 35.34 -8.88 25.28
N VAL B 280 34.40 -9.78 25.02
CA VAL B 280 34.62 -10.91 24.12
C VAL B 280 33.81 -10.79 22.80
N ILE B 281 34.38 -11.30 21.71
CA ILE B 281 33.76 -11.35 20.38
C ILE B 281 32.84 -12.58 20.17
N PRO B 282 31.55 -12.34 19.86
CA PRO B 282 30.55 -13.42 19.64
C PRO B 282 30.80 -14.23 18.37
N ASP B 283 30.30 -15.47 18.34
CA ASP B 283 30.37 -16.30 17.12
C ASP B 283 29.28 -15.90 16.13
N LYS B 284 28.16 -15.40 16.65
CA LYS B 284 26.96 -15.14 15.84
C LYS B 284 26.77 -13.69 15.42
N GLU B 285 26.36 -13.51 14.16
CA GLU B 285 26.05 -12.20 13.61
C GLU B 285 24.85 -11.58 14.33
N ILE B 286 24.87 -10.27 14.46
CA ILE B 286 23.75 -9.50 15.01
C ILE B 286 22.84 -9.06 13.86
N GLU B 287 21.56 -9.41 13.95
CA GLU B 287 20.59 -8.99 12.95
C GLU B 287 19.97 -7.64 13.34
N PHE B 288 19.56 -6.86 12.34
CA PHE B 288 18.74 -5.66 12.57
C PHE B 288 17.86 -5.37 11.36
N THR B 289 16.81 -4.55 11.57
CA THR B 289 15.92 -4.17 10.46
C THR B 289 15.86 -2.68 10.16
N VAL B 290 15.74 -2.38 8.88
CA VAL B 290 15.51 -1.00 8.41
C VAL B 290 14.06 -0.90 7.98
N SER B 291 13.39 0.14 8.46
CA SER B 291 11.97 0.40 8.16
C SER B 291 11.76 1.88 8.07
N GLN B 292 10.51 2.28 7.83
CA GLN B 292 10.18 3.70 7.79
C GLN B 292 10.61 4.48 9.04
N THR B 293 10.49 3.85 10.21
CA THR B 293 10.70 4.55 11.48
C THR B 293 11.94 4.11 12.25
N SER B 294 12.86 3.40 11.59
CA SER B 294 14.06 2.88 12.26
C SER B 294 15.15 3.95 12.49
N TYR B 295 14.90 5.17 12.00
CA TYR B 295 15.84 6.30 12.17
C TYR B 295 15.13 7.57 12.63
N ASN B 296 14.09 7.96 11.90
CA ASN B 296 13.25 9.09 12.27
C ASN B 296 11.90 8.52 12.67
N THR B 297 11.39 8.94 13.83
CA THR B 297 10.11 8.46 14.31
C THR B 297 8.94 8.92 13.42
N LYS B 298 9.05 10.12 12.87
CA LYS B 298 7.99 10.72 12.08
C LYS B 298 8.53 11.37 10.79
N PRO B 299 9.02 10.54 9.84
CA PRO B 299 9.65 11.10 8.64
C PRO B 299 8.72 11.99 7.79
N THR B 300 7.41 11.82 7.91
CA THR B 300 6.45 12.64 7.17
C THR B 300 6.39 14.10 7.66
N ASP B 301 6.75 14.32 8.91
CA ASP B 301 6.57 15.62 9.55
C ASP B 301 7.86 16.43 9.61
N ILE B 302 8.89 15.99 8.89
CA ILE B 302 10.18 16.67 8.89
C ILE B 302 10.74 16.88 7.48
N THR B 303 11.67 17.83 7.35
CA THR B 303 12.38 18.09 6.08
C THR B 303 13.89 17.81 6.18
N VAL B 304 14.39 17.69 7.42
CA VAL B 304 15.71 17.09 7.71
C VAL B 304 15.57 16.00 8.77
N ASP B 305 16.51 15.06 8.78
CA ASP B 305 16.54 13.96 9.74
C ASP B 305 16.57 14.48 11.17
N SER B 306 15.84 13.80 12.04
CA SER B 306 15.84 14.11 13.48
C SER B 306 16.56 13.04 14.31
N ALA B 307 16.78 11.86 13.73
CA ALA B 307 17.60 10.80 14.36
C ALA B 307 17.13 10.41 15.77
N ASP B 308 15.82 10.30 15.95
CA ASP B 308 15.25 10.12 17.27
C ASP B 308 14.70 8.71 17.50
N ALA B 309 14.76 7.83 16.50
CA ALA B 309 14.30 6.45 16.69
C ALA B 309 15.12 5.76 17.77
N THR B 310 14.51 4.83 18.50
CA THR B 310 15.22 4.12 19.59
C THR B 310 16.30 3.20 19.01
N PRO B 311 17.57 3.42 19.41
CA PRO B 311 18.64 2.54 18.96
C PRO B 311 18.45 1.08 19.41
N ASP B 312 18.95 0.15 18.59
CA ASP B 312 19.10 -1.22 19.02
C ASP B 312 20.28 -1.29 19.98
N THR B 313 20.04 -1.84 21.18
CA THR B 313 21.12 -2.15 22.11
C THR B 313 21.84 -3.37 21.63
N ILE B 314 23.16 -3.27 21.52
CA ILE B 314 23.98 -4.44 21.26
C ILE B 314 24.69 -4.74 22.56
N LYS B 315 24.55 -5.99 23.01
CA LYS B 315 25.19 -6.50 24.22
C LYS B 315 26.58 -7.07 23.95
N ASN B 316 27.45 -6.93 24.95
CA ASN B 316 28.78 -7.53 24.93
C ASN B 316 29.03 -8.26 26.25
N ASN B 317 29.55 -9.48 26.14
CA ASN B 317 29.91 -10.27 27.30
C ASN B 317 31.30 -9.96 27.86
CA CA C . -27.60 -8.00 -1.31
CA CA D . -32.56 11.63 -21.20
CA CA E . 2.88 4.86 -12.78
CA CA F . -1.49 24.72 -32.58
#